data_3LYS
#
_entry.id   3LYS
#
_cell.length_a   66.704
_cell.length_b   90.272
_cell.length_c   156.948
_cell.angle_alpha   90.00
_cell.angle_beta   90.00
_cell.angle_gamma   90.00
#
_symmetry.space_group_name_H-M   'P 21 21 21'
#
loop_
_entity.id
_entity.type
_entity.pdbx_description
1 polymer 'Prophage pi2 protein 01, integrase'
2 water water
#
_entity_poly.entity_id   1
_entity_poly.type   'polypeptide(L)'
_entity_poly.pdbx_seq_one_letter_code
;(MSE)DPIKQEISEYFKDW(MSE)ELYKKNAIDE(MSE)TYKGYEQTLKYLKTY(MSE)PNVLISEITASSYQRALNKFA
ETHAKASTKGFHTRVRASIQCLIEEGRLQKDFTTRAVVKGLEHHHHHH
;
_entity_poly.pdbx_strand_id   A,B,C,D,E,F
#
# COMPACT_ATOMS: atom_id res chain seq x y z
N PRO A 3 -4.73 19.81 -14.22
CA PRO A 3 -6.14 20.04 -14.66
C PRO A 3 -6.30 19.74 -16.16
N ILE A 4 -7.49 19.30 -16.58
CA ILE A 4 -7.79 18.98 -17.99
C ILE A 4 -9.10 19.60 -18.48
N LYS A 5 -8.98 20.75 -19.12
CA LYS A 5 -10.14 21.47 -19.66
C LYS A 5 -10.07 21.46 -21.19
N GLN A 6 -10.94 20.67 -21.80
CA GLN A 6 -10.97 20.57 -23.25
C GLN A 6 -12.15 19.68 -23.68
N GLU A 7 -12.51 19.72 -24.97
CA GLU A 7 -13.61 18.89 -25.44
C GLU A 7 -13.12 17.48 -25.66
N ILE A 8 -13.92 16.51 -25.28
CA ILE A 8 -13.54 15.12 -25.47
C ILE A 8 -13.16 14.86 -26.92
N SER A 9 -13.99 15.32 -27.85
CA SER A 9 -13.72 15.11 -29.28
C SER A 9 -12.39 15.70 -29.69
N GLU A 10 -12.22 16.99 -29.40
CA GLU A 10 -11.00 17.71 -29.73
C GLU A 10 -9.75 17.00 -29.23
N TYR A 11 -9.77 16.66 -27.95
CA TYR A 11 -8.67 15.97 -27.33
C TYR A 11 -8.38 14.65 -28.02
N PHE A 12 -9.41 13.85 -28.28
CA PHE A 12 -9.17 12.56 -28.92
C PHE A 12 -8.31 12.72 -30.17
N LYS A 13 -8.66 13.68 -31.02
CA LYS A 13 -7.90 13.93 -32.24
C LYS A 13 -6.46 14.26 -31.86
N ASP A 14 -6.31 15.23 -30.95
CA ASP A 14 -5.01 15.66 -30.45
C ASP A 14 -4.19 14.42 -30.07
N TRP A 15 -4.78 13.57 -29.24
CA TRP A 15 -4.17 12.33 -28.75
C TRP A 15 -3.77 11.37 -29.87
N GLU A 17 -3.34 11.68 -33.02
CA GLU A 17 -2.32 12.19 -33.92
C GLU A 17 -0.95 12.20 -33.25
N LEU A 18 -0.91 12.07 -31.93
CA LEU A 18 0.35 12.07 -31.22
C LEU A 18 0.92 10.68 -31.03
N TYR A 19 0.13 9.80 -30.42
CA TYR A 19 0.59 8.46 -30.12
C TYR A 19 0.16 7.37 -31.08
N LYS A 20 -0.70 7.70 -32.03
CA LYS A 20 -1.17 6.66 -32.96
C LYS A 20 -0.79 6.89 -34.41
N LYS A 21 -1.07 8.10 -34.88
CA LYS A 21 -0.80 8.50 -36.26
C LYS A 21 0.08 7.57 -37.09
N ASN A 22 1.34 7.94 -37.22
CA ASN A 22 2.28 7.18 -38.01
C ASN A 22 2.81 5.94 -37.33
N ALA A 23 2.40 5.73 -36.10
CA ALA A 23 2.87 4.57 -35.36
C ALA A 23 2.11 3.30 -35.71
N ILE A 24 0.80 3.41 -35.84
CA ILE A 24 0.01 2.23 -36.14
C ILE A 24 -0.28 2.06 -37.63
N ASP A 25 -0.75 0.87 -37.97
CA ASP A 25 -1.10 0.51 -39.34
C ASP A 25 -2.04 1.57 -39.95
N GLU A 26 -2.04 1.70 -41.27
CA GLU A 26 -2.90 2.67 -41.94
C GLU A 26 -4.38 2.29 -41.87
N THR A 28 -5.68 0.51 -39.75
CA THR A 28 -6.07 0.54 -38.36
C THR A 28 -6.32 1.97 -37.88
N TYR A 29 -5.59 2.91 -38.44
CA TYR A 29 -5.76 4.30 -38.06
C TYR A 29 -7.15 4.76 -38.47
N LYS A 30 -7.68 4.14 -39.53
CA LYS A 30 -9.00 4.49 -40.01
C LYS A 30 -9.98 4.40 -38.86
N GLY A 31 -9.79 3.40 -38.01
CA GLY A 31 -10.67 3.18 -36.89
C GLY A 31 -10.72 4.37 -35.95
N TYR A 32 -9.56 4.91 -35.63
CA TYR A 32 -9.49 6.06 -34.74
C TYR A 32 -10.14 7.27 -35.38
N GLU A 33 -10.02 7.40 -36.70
CA GLU A 33 -10.63 8.53 -37.37
C GLU A 33 -12.14 8.42 -37.25
N GLN A 34 -12.63 7.18 -37.35
CA GLN A 34 -14.07 6.89 -37.24
C GLN A 34 -14.54 7.18 -35.83
N THR A 35 -13.82 6.63 -34.88
CA THR A 35 -14.14 6.84 -33.48
C THR A 35 -14.17 8.35 -33.20
N LEU A 36 -13.25 9.08 -33.82
CA LEU A 36 -13.19 10.52 -33.65
C LEU A 36 -14.50 11.10 -34.16
N LYS A 37 -14.85 10.76 -35.39
CA LYS A 37 -16.08 11.23 -36.02
C LYS A 37 -17.26 10.95 -35.09
N TYR A 38 -17.40 9.69 -34.71
CA TYR A 38 -18.47 9.28 -33.80
C TYR A 38 -18.50 10.21 -32.60
N LEU A 39 -17.35 10.38 -31.99
CA LEU A 39 -17.23 11.24 -30.83
C LEU A 39 -17.81 12.63 -31.10
N LYS A 40 -17.52 13.20 -32.27
CA LYS A 40 -18.02 14.53 -32.58
C LYS A 40 -19.54 14.58 -32.63
N THR A 41 -20.13 13.46 -33.04
CA THR A 41 -21.59 13.33 -33.16
C THR A 41 -22.24 13.12 -31.78
N TYR A 42 -22.11 11.91 -31.25
CA TYR A 42 -22.69 11.57 -29.96
C TYR A 42 -22.27 12.44 -28.80
N PRO A 44 -20.99 16.08 -28.61
CA PRO A 44 -20.61 17.40 -29.14
C PRO A 44 -19.69 18.21 -28.23
N ASN A 45 -20.20 19.30 -27.70
CA ASN A 45 -19.38 20.16 -26.86
C ASN A 45 -19.07 19.58 -25.48
N VAL A 46 -19.07 18.26 -25.40
CA VAL A 46 -18.80 17.58 -24.13
C VAL A 46 -17.35 17.78 -23.65
N LEU A 47 -17.20 18.38 -22.47
CA LEU A 47 -15.87 18.60 -21.90
C LEU A 47 -15.41 17.39 -21.12
N ILE A 48 -14.18 17.00 -21.37
CA ILE A 48 -13.58 15.85 -20.72
C ILE A 48 -13.79 15.87 -19.19
N SER A 49 -13.77 17.06 -18.60
CA SER A 49 -13.95 17.23 -17.16
C SER A 49 -15.39 17.15 -16.68
N GLU A 50 -16.33 17.02 -17.62
CA GLU A 50 -17.75 16.94 -17.28
C GLU A 50 -18.24 15.51 -17.42
N ILE A 51 -17.55 14.73 -18.22
CA ILE A 51 -17.91 13.34 -18.45
C ILE A 51 -17.91 12.56 -17.14
N THR A 52 -18.95 11.76 -16.93
CA THR A 52 -19.08 10.92 -15.73
C THR A 52 -19.34 9.48 -16.15
N ALA A 53 -19.16 8.54 -15.24
CA ALA A 53 -19.38 7.12 -15.55
C ALA A 53 -20.76 6.90 -16.17
N SER A 54 -21.71 7.72 -15.72
CA SER A 54 -23.09 7.67 -16.18
C SER A 54 -23.20 8.30 -17.57
N SER A 55 -22.69 9.53 -17.70
CA SER A 55 -22.70 10.24 -18.98
C SER A 55 -22.22 9.29 -20.05
N TYR A 56 -20.99 8.82 -19.89
CA TYR A 56 -20.36 7.92 -20.83
C TYR A 56 -21.20 6.71 -21.12
N GLN A 57 -21.70 6.06 -20.07
CA GLN A 57 -22.53 4.86 -20.23
C GLN A 57 -23.76 5.20 -21.07
N ARG A 58 -24.33 6.38 -20.80
CA ARG A 58 -25.50 6.84 -21.51
C ARG A 58 -25.16 7.10 -22.99
N ALA A 59 -24.05 7.80 -23.25
CA ALA A 59 -23.61 8.08 -24.61
C ALA A 59 -23.40 6.73 -25.29
N LEU A 60 -22.79 5.80 -24.58
CA LEU A 60 -22.54 4.48 -25.10
C LEU A 60 -23.84 3.77 -25.42
N ASN A 61 -24.85 3.91 -24.57
CA ASN A 61 -26.14 3.26 -24.84
C ASN A 61 -26.76 3.82 -26.11
N LYS A 62 -26.93 5.14 -26.15
CA LYS A 62 -27.51 5.79 -27.32
C LYS A 62 -26.84 5.26 -28.60
N PHE A 63 -25.54 5.06 -28.53
CA PHE A 63 -24.79 4.56 -29.68
C PHE A 63 -25.17 3.13 -30.03
N ALA A 64 -25.34 2.30 -29.01
CA ALA A 64 -25.67 0.90 -29.22
C ALA A 64 -27.01 0.65 -29.91
N GLU A 65 -27.93 1.60 -29.82
CA GLU A 65 -29.22 1.41 -30.44
C GLU A 65 -29.24 1.73 -31.93
N THR A 66 -28.07 1.76 -32.56
CA THR A 66 -27.97 2.04 -34.00
C THR A 66 -26.67 1.45 -34.53
N HIS A 67 -25.98 0.67 -33.71
CA HIS A 67 -24.72 0.06 -34.10
C HIS A 67 -24.62 -1.33 -33.53
N ALA A 68 -23.84 -2.19 -34.19
CA ALA A 68 -23.68 -3.55 -33.73
C ALA A 68 -22.77 -3.59 -32.49
N LYS A 69 -22.84 -4.70 -31.77
CA LYS A 69 -22.05 -4.88 -30.56
C LYS A 69 -20.57 -4.70 -30.89
N ALA A 70 -20.07 -5.50 -31.82
CA ALA A 70 -18.67 -5.40 -32.21
C ALA A 70 -18.27 -3.94 -32.47
N SER A 71 -19.14 -3.21 -33.16
CA SER A 71 -18.89 -1.81 -33.51
C SER A 71 -18.86 -0.89 -32.30
N THR A 72 -19.89 -0.99 -31.48
CA THR A 72 -19.96 -0.16 -30.30
C THR A 72 -18.75 -0.45 -29.40
N LYS A 73 -18.32 -1.70 -29.38
CA LYS A 73 -17.16 -2.12 -28.58
C LYS A 73 -15.90 -1.40 -29.01
N GLY A 74 -15.67 -1.41 -30.32
CA GLY A 74 -14.51 -0.76 -30.90
C GLY A 74 -14.46 0.71 -30.51
N PHE A 75 -15.61 1.37 -30.51
CA PHE A 75 -15.68 2.77 -30.13
C PHE A 75 -15.17 2.93 -28.70
N HIS A 76 -15.83 2.24 -27.78
CA HIS A 76 -15.48 2.29 -26.36
C HIS A 76 -13.99 2.04 -26.15
N THR A 77 -13.53 0.84 -26.49
CA THR A 77 -12.14 0.52 -26.32
C THR A 77 -11.19 1.66 -26.75
N ARG A 78 -11.34 2.15 -27.98
CA ARG A 78 -10.48 3.24 -28.47
C ARG A 78 -10.58 4.50 -27.60
N VAL A 79 -11.78 4.89 -27.21
CA VAL A 79 -11.92 6.07 -26.38
C VAL A 79 -11.24 5.82 -25.06
N ARG A 80 -11.43 4.63 -24.54
CA ARG A 80 -10.84 4.26 -23.26
C ARG A 80 -9.33 4.48 -23.29
N ALA A 81 -8.69 3.96 -24.32
CA ALA A 81 -7.25 4.10 -24.45
C ALA A 81 -6.81 5.56 -24.36
N SER A 82 -7.54 6.45 -25.01
CA SER A 82 -7.16 7.85 -24.98
C SER A 82 -7.29 8.45 -23.60
N ILE A 83 -8.22 7.92 -22.80
CA ILE A 83 -8.40 8.45 -21.47
C ILE A 83 -7.25 8.01 -20.54
N GLN A 84 -6.72 6.81 -20.81
CA GLN A 84 -5.62 6.26 -20.03
C GLN A 84 -4.46 7.23 -19.88
N CYS A 85 -3.87 7.65 -20.99
CA CYS A 85 -2.75 8.56 -20.94
C CYS A 85 -3.19 9.79 -20.16
N LEU A 86 -4.45 10.16 -20.30
CA LEU A 86 -4.94 11.33 -19.58
C LEU A 86 -4.86 11.09 -18.08
N ILE A 87 -5.08 9.85 -17.66
CA ILE A 87 -5.00 9.51 -16.26
C ILE A 87 -3.54 9.43 -15.83
N GLU A 88 -2.77 8.61 -16.55
CA GLU A 88 -1.35 8.41 -16.29
C GLU A 88 -0.63 9.75 -16.11
N GLU A 89 -0.96 10.71 -16.96
CA GLU A 89 -0.39 12.03 -16.94
C GLU A 89 -0.85 12.82 -15.73
N GLY A 90 -1.86 12.32 -15.05
CA GLY A 90 -2.36 13.00 -13.88
C GLY A 90 -3.14 14.27 -14.23
N ARG A 91 -3.82 14.25 -15.36
CA ARG A 91 -4.61 15.40 -15.78
C ARG A 91 -6.08 15.09 -15.55
N LEU A 92 -6.41 13.79 -15.51
CA LEU A 92 -7.79 13.39 -15.28
C LEU A 92 -7.82 12.56 -14.02
N GLN A 93 -8.73 12.90 -13.11
CA GLN A 93 -8.85 12.19 -11.84
C GLN A 93 -9.37 10.76 -11.92
N LYS A 94 -10.61 10.59 -12.36
CA LYS A 94 -11.22 9.27 -12.45
C LYS A 94 -11.63 8.84 -13.85
N ASP A 95 -11.14 7.67 -14.25
CA ASP A 95 -11.43 7.11 -15.55
C ASP A 95 -12.90 6.72 -15.64
N PHE A 96 -13.73 7.64 -16.13
CA PHE A 96 -15.17 7.35 -16.23
C PHE A 96 -15.49 6.19 -17.13
N THR A 97 -14.54 5.75 -17.94
CA THR A 97 -14.80 4.63 -18.83
C THR A 97 -14.39 3.34 -18.16
N THR A 98 -14.14 3.43 -16.87
CA THR A 98 -13.68 2.30 -16.12
C THR A 98 -14.65 1.12 -16.02
N ARG A 99 -15.75 1.31 -15.31
CA ARG A 99 -16.71 0.25 -15.10
C ARG A 99 -17.85 0.31 -16.10
N ALA A 100 -17.82 1.32 -16.95
CA ALA A 100 -18.86 1.45 -17.96
C ALA A 100 -18.69 0.36 -19.01
N VAL A 101 -17.90 -0.67 -18.67
CA VAL A 101 -17.60 -1.80 -19.55
C VAL A 101 -18.83 -2.31 -20.30
N VAL A 102 -20.00 -1.96 -19.80
CA VAL A 102 -21.23 -2.38 -20.43
C VAL A 102 -21.30 -1.78 -21.82
N LYS A 103 -21.16 -2.63 -22.83
CA LYS A 103 -21.23 -2.20 -24.22
C LYS A 103 -22.45 -2.82 -24.90
N GLY A 104 -23.53 -2.05 -24.96
CA GLY A 104 -24.73 -2.53 -25.60
C GLY A 104 -24.49 -3.13 -26.97
N LEU A 105 -25.17 -4.26 -27.18
CA LEU A 105 -25.06 -5.03 -28.41
C LEU A 105 -26.06 -4.65 -29.51
N GLU A 106 -26.19 -5.56 -30.47
CA GLU A 106 -27.09 -5.37 -31.58
C GLU A 106 -26.97 -6.65 -32.41
N HIS A 107 -28.09 -7.36 -32.52
CA HIS A 107 -28.17 -8.59 -33.29
C HIS A 107 -29.52 -9.35 -33.15
N LYS B 5 -27.96 9.22 -0.68
CA LYS B 5 -28.44 10.35 -1.54
C LYS B 5 -29.54 9.96 -2.54
N GLN B 6 -30.31 8.92 -2.22
CA GLN B 6 -31.41 8.42 -3.08
C GLN B 6 -31.94 7.11 -2.50
N GLU B 7 -33.20 6.79 -2.79
CA GLU B 7 -33.80 5.55 -2.29
C GLU B 7 -33.24 4.32 -3.00
N ILE B 8 -32.80 3.34 -2.22
CA ILE B 8 -32.22 2.12 -2.75
C ILE B 8 -33.01 1.58 -3.93
N SER B 9 -34.34 1.49 -3.77
CA SER B 9 -35.20 0.97 -4.83
C SER B 9 -35.05 1.79 -6.10
N GLU B 10 -35.27 3.10 -5.96
CA GLU B 10 -35.17 4.02 -7.09
C GLU B 10 -33.84 3.88 -7.84
N TYR B 11 -32.75 3.92 -7.09
CA TYR B 11 -31.43 3.80 -7.68
C TYR B 11 -31.28 2.49 -8.44
N PHE B 12 -31.68 1.38 -7.82
CA PHE B 12 -31.53 0.08 -8.47
C PHE B 12 -32.11 0.10 -9.89
N LYS B 13 -33.31 0.66 -10.05
CA LYS B 13 -33.92 0.76 -11.38
C LYS B 13 -33.01 1.59 -12.28
N ASP B 14 -32.63 2.77 -11.79
CA ASP B 14 -31.75 3.70 -12.49
C ASP B 14 -30.54 2.91 -13.03
N TRP B 15 -29.87 2.21 -12.11
CA TRP B 15 -28.70 1.39 -12.41
C TRP B 15 -28.95 0.31 -13.46
N GLU B 17 -31.25 -0.19 -15.67
CA GLU B 17 -31.59 0.31 -16.99
C GLU B 17 -30.38 0.91 -17.69
N LEU B 18 -29.31 1.19 -16.94
CA LEU B 18 -28.11 1.75 -17.54
C LEU B 18 -27.12 0.70 -17.99
N TYR B 19 -26.72 -0.14 -17.05
CA TYR B 19 -25.72 -1.17 -17.32
C TYR B 19 -26.22 -2.57 -17.63
N LYS B 20 -27.52 -2.77 -17.49
CA LYS B 20 -28.06 -4.11 -17.73
C LYS B 20 -29.05 -4.19 -18.86
N LYS B 21 -30.04 -3.31 -18.82
CA LYS B 21 -31.10 -3.24 -19.83
C LYS B 21 -30.89 -4.07 -21.09
N ASN B 22 -30.49 -3.40 -22.16
CA ASN B 22 -30.29 -4.05 -23.45
C ASN B 22 -29.01 -4.84 -23.57
N ALA B 23 -28.21 -4.83 -22.51
CA ALA B 23 -26.94 -5.54 -22.55
C ALA B 23 -27.09 -7.01 -22.24
N ILE B 24 -27.92 -7.33 -21.26
CA ILE B 24 -28.08 -8.71 -20.87
C ILE B 24 -29.28 -9.36 -21.54
N ASP B 25 -29.31 -10.69 -21.46
CA ASP B 25 -30.39 -11.50 -22.02
C ASP B 25 -31.76 -10.97 -21.55
N GLU B 26 -32.80 -11.25 -22.32
CA GLU B 26 -34.14 -10.79 -21.96
C GLU B 26 -34.71 -11.55 -20.77
N THR B 28 -33.07 -12.98 -18.59
CA THR B 28 -32.24 -12.68 -17.44
C THR B 28 -32.59 -11.32 -16.84
N TYR B 29 -32.99 -10.38 -17.69
CA TYR B 29 -33.36 -9.04 -17.23
C TYR B 29 -34.60 -9.14 -16.35
N LYS B 30 -35.40 -10.17 -16.58
CA LYS B 30 -36.60 -10.37 -15.79
C LYS B 30 -36.22 -10.42 -14.32
N GLY B 31 -35.07 -11.03 -14.04
CA GLY B 31 -34.59 -11.17 -12.69
C GLY B 31 -34.38 -9.83 -12.00
N TYR B 32 -33.76 -8.90 -12.70
CA TYR B 32 -33.50 -7.59 -12.15
C TYR B 32 -34.81 -6.85 -11.92
N GLU B 33 -35.78 -7.07 -12.78
CA GLU B 33 -37.06 -6.40 -12.61
C GLU B 33 -37.70 -6.93 -11.32
N GLN B 34 -37.56 -8.23 -11.10
CA GLN B 34 -38.11 -8.88 -9.91
C GLN B 34 -37.39 -8.34 -8.67
N THR B 35 -36.07 -8.37 -8.72
CA THR B 35 -35.27 -7.87 -7.62
C THR B 35 -35.66 -6.42 -7.33
N LEU B 36 -35.96 -5.67 -8.38
CA LEU B 36 -36.38 -4.30 -8.23
C LEU B 36 -37.67 -4.28 -7.41
N LYS B 37 -38.65 -5.03 -7.89
CA LYS B 37 -39.96 -5.15 -7.24
C LYS B 37 -39.75 -5.48 -5.76
N TYR B 38 -39.04 -6.58 -5.51
CA TYR B 38 -38.74 -7.01 -4.15
C TYR B 38 -38.23 -5.82 -3.36
N LEU B 39 -37.24 -5.15 -3.91
CA LEU B 39 -36.65 -4.01 -3.25
C LEU B 39 -37.70 -3.00 -2.84
N LYS B 40 -38.63 -2.69 -3.73
CA LYS B 40 -39.67 -1.71 -3.40
C LYS B 40 -40.51 -2.15 -2.21
N THR B 41 -40.71 -3.46 -2.09
CA THR B 41 -41.48 -4.06 -0.99
C THR B 41 -40.70 -4.04 0.33
N TYR B 42 -39.75 -4.97 0.46
CA TYR B 42 -38.96 -5.08 1.66
C TYR B 42 -38.21 -3.83 2.09
N PRO B 44 -38.85 -0.06 1.44
CA PRO B 44 -39.58 1.09 0.92
C PRO B 44 -38.74 2.36 0.78
N ASN B 45 -39.03 3.37 1.58
CA ASN B 45 -38.31 4.63 1.49
C ASN B 45 -36.89 4.56 2.02
N VAL B 46 -36.30 3.38 1.96
CA VAL B 46 -34.94 3.19 2.45
C VAL B 46 -33.90 3.92 1.59
N LEU B 47 -33.15 4.84 2.22
CA LEU B 47 -32.12 5.59 1.51
C LEU B 47 -30.81 4.85 1.52
N ILE B 48 -30.20 4.79 0.35
CA ILE B 48 -28.94 4.09 0.16
C ILE B 48 -27.90 4.49 1.24
N SER B 49 -27.93 5.74 1.66
CA SER B 49 -26.98 6.25 2.67
C SER B 49 -27.35 5.87 4.10
N GLU B 50 -28.50 5.24 4.29
CA GLU B 50 -28.93 4.85 5.62
C GLU B 50 -28.72 3.37 5.83
N ILE B 51 -28.66 2.62 4.73
CA ILE B 51 -28.49 1.17 4.80
C ILE B 51 -27.19 0.81 5.50
N THR B 52 -27.26 -0.16 6.41
CA THR B 52 -26.10 -0.63 7.15
C THR B 52 -25.97 -2.14 7.01
N ALA B 53 -24.80 -2.69 7.33
CA ALA B 53 -24.59 -4.12 7.23
C ALA B 53 -25.67 -4.89 7.95
N SER B 54 -26.16 -4.30 9.04
CA SER B 54 -27.22 -4.90 9.87
C SER B 54 -28.58 -4.72 9.19
N SER B 55 -28.88 -3.49 8.77
CA SER B 55 -30.14 -3.21 8.09
C SER B 55 -30.34 -4.24 7.00
N TYR B 56 -29.37 -4.27 6.08
CA TYR B 56 -29.40 -5.16 4.95
C TYR B 56 -29.58 -6.62 5.38
N GLN B 57 -28.76 -7.07 6.32
CA GLN B 57 -28.84 -8.44 6.80
C GLN B 57 -30.25 -8.70 7.33
N ARG B 58 -30.80 -7.72 8.03
CA ARG B 58 -32.14 -7.84 8.59
C ARG B 58 -33.19 -7.91 7.45
N ALA B 59 -33.07 -7.04 6.45
CA ALA B 59 -33.99 -7.03 5.31
C ALA B 59 -33.87 -8.38 4.64
N LEU B 60 -32.64 -8.87 4.54
CA LEU B 60 -32.37 -10.16 3.93
C LEU B 60 -33.01 -11.30 4.72
N ASN B 61 -32.97 -11.21 6.05
CA ASN B 61 -33.57 -12.26 6.86
C ASN B 61 -35.08 -12.29 6.65
N LYS B 62 -35.72 -11.14 6.84
CA LYS B 62 -37.18 -11.03 6.66
C LYS B 62 -37.57 -11.70 5.34
N PHE B 63 -36.77 -11.47 4.31
CA PHE B 63 -37.04 -12.03 2.99
C PHE B 63 -36.91 -13.55 2.98
N ALA B 64 -35.91 -14.07 3.66
CA ALA B 64 -35.69 -15.52 3.69
C ALA B 64 -36.82 -16.32 4.32
N GLU B 65 -37.61 -15.68 5.19
CA GLU B 65 -38.66 -16.41 5.85
C GLU B 65 -39.92 -16.55 5.03
N THR B 66 -39.81 -16.33 3.71
CA THR B 66 -40.95 -16.46 2.79
C THR B 66 -40.45 -16.76 1.39
N HIS B 67 -39.16 -17.05 1.28
CA HIS B 67 -38.53 -17.34 -0.01
C HIS B 67 -37.48 -18.40 0.14
N ALA B 68 -37.24 -19.15 -0.93
CA ALA B 68 -36.26 -20.23 -0.89
C ALA B 68 -34.85 -19.67 -0.88
N LYS B 69 -33.90 -20.51 -0.49
CA LYS B 69 -32.50 -20.10 -0.42
C LYS B 69 -32.06 -19.59 -1.80
N ALA B 70 -32.15 -20.44 -2.81
CA ALA B 70 -31.77 -20.04 -4.16
C ALA B 70 -32.36 -18.67 -4.54
N SER B 71 -33.61 -18.45 -4.18
CA SER B 71 -34.31 -17.19 -4.50
C SER B 71 -33.76 -16.00 -3.73
N THR B 72 -33.63 -16.17 -2.42
CA THR B 72 -33.11 -15.11 -1.59
C THR B 72 -31.68 -14.74 -2.04
N LYS B 73 -30.93 -15.75 -2.47
CA LYS B 73 -29.55 -15.55 -2.94
C LYS B 73 -29.53 -14.64 -4.17
N GLY B 74 -30.39 -14.98 -5.13
CA GLY B 74 -30.49 -14.21 -6.36
C GLY B 74 -30.73 -12.75 -6.04
N PHE B 75 -31.58 -12.48 -5.08
CA PHE B 75 -31.90 -11.12 -4.69
C PHE B 75 -30.64 -10.42 -4.25
N HIS B 76 -30.01 -10.99 -3.23
CA HIS B 76 -28.78 -10.45 -2.67
C HIS B 76 -27.74 -10.17 -3.75
N THR B 77 -27.30 -11.23 -4.41
CA THR B 77 -26.31 -11.08 -5.47
C THR B 77 -26.59 -9.87 -6.39
N ARG B 78 -27.80 -9.79 -6.96
CA ARG B 78 -28.15 -8.70 -7.86
C ARG B 78 -28.04 -7.34 -7.17
N VAL B 79 -28.53 -7.24 -5.96
CA VAL B 79 -28.46 -5.96 -5.26
C VAL B 79 -26.99 -5.60 -5.04
N ARG B 80 -26.22 -6.61 -4.64
CA ARG B 80 -24.80 -6.42 -4.38
C ARG B 80 -24.12 -5.77 -5.59
N ALA B 81 -24.36 -6.33 -6.77
CA ALA B 81 -23.76 -5.81 -7.98
C ALA B 81 -24.05 -4.33 -8.17
N SER B 82 -25.27 -3.92 -7.91
CA SER B 82 -25.61 -2.53 -8.10
C SER B 82 -24.86 -1.64 -7.14
N ILE B 83 -24.56 -2.16 -5.97
CA ILE B 83 -23.85 -1.34 -5.01
C ILE B 83 -22.40 -1.17 -5.43
N GLN B 84 -21.85 -2.17 -6.09
CA GLN B 84 -20.48 -2.14 -6.54
C GLN B 84 -20.14 -0.86 -7.30
N CYS B 85 -20.82 -0.64 -8.41
CA CYS B 85 -20.54 0.56 -9.21
C CYS B 85 -20.69 1.79 -8.30
N LEU B 86 -21.59 1.72 -7.33
CA LEU B 86 -21.78 2.85 -6.43
C LEU B 86 -20.50 3.07 -5.63
N ILE B 87 -19.82 1.99 -5.30
CA ILE B 87 -18.57 2.07 -4.55
C ILE B 87 -17.47 2.56 -5.48
N GLU B 88 -17.30 1.84 -6.59
CA GLU B 88 -16.29 2.14 -7.59
C GLU B 88 -16.29 3.63 -7.94
N GLU B 89 -17.47 4.23 -8.08
CA GLU B 89 -17.56 5.65 -8.40
C GLU B 89 -17.13 6.53 -7.23
N GLY B 90 -17.24 5.98 -6.02
CA GLY B 90 -16.85 6.73 -4.84
C GLY B 90 -17.98 7.49 -4.16
N ARG B 91 -19.22 7.23 -4.57
CA ARG B 91 -20.37 7.91 -3.96
C ARG B 91 -20.74 7.25 -2.64
N LEU B 92 -20.39 5.97 -2.52
CA LEU B 92 -20.65 5.21 -1.31
C LEU B 92 -19.30 4.71 -0.78
N GLN B 93 -18.97 5.12 0.44
CA GLN B 93 -17.72 4.75 1.09
C GLN B 93 -17.60 3.28 1.43
N LYS B 94 -18.70 2.70 1.91
CA LYS B 94 -18.67 1.30 2.29
C LYS B 94 -19.86 0.48 1.80
N ASP B 95 -19.54 -0.74 1.37
CA ASP B 95 -20.50 -1.71 0.85
C ASP B 95 -21.06 -2.55 1.98
N PHE B 96 -22.33 -2.36 2.29
CA PHE B 96 -22.92 -3.13 3.36
C PHE B 96 -23.12 -4.60 3.00
N THR B 97 -23.50 -4.86 1.74
CA THR B 97 -23.74 -6.21 1.24
C THR B 97 -22.48 -7.09 1.28
N THR B 98 -21.43 -6.56 1.87
CA THR B 98 -20.15 -7.26 1.94
C THR B 98 -20.13 -8.53 2.81
N ARG B 99 -19.88 -8.36 4.10
CA ARG B 99 -19.84 -9.48 5.02
C ARG B 99 -21.22 -10.05 5.27
N ALA B 100 -22.23 -9.18 5.26
CA ALA B 100 -23.60 -9.61 5.48
C ALA B 100 -23.99 -10.67 4.46
N VAL B 101 -22.99 -11.15 3.73
CA VAL B 101 -23.19 -12.18 2.71
C VAL B 101 -23.80 -13.43 3.34
N VAL B 102 -24.22 -13.31 4.59
CA VAL B 102 -24.83 -14.45 5.25
C VAL B 102 -26.34 -14.32 5.14
N LYS B 103 -26.92 -15.00 4.16
CA LYS B 103 -28.35 -14.95 3.97
C LYS B 103 -28.99 -16.28 4.38
N GLY B 104 -30.00 -16.21 5.23
CA GLY B 104 -30.68 -17.41 5.71
C GLY B 104 -31.23 -18.32 4.62
N LEU B 105 -32.42 -18.87 4.85
CA LEU B 105 -33.07 -19.78 3.89
C LEU B 105 -34.55 -20.13 4.22
N GLU B 106 -35.22 -20.75 3.25
CA GLU B 106 -36.61 -21.16 3.37
C GLU B 106 -36.96 -21.82 4.73
N HIS B 107 -38.07 -21.35 5.33
CA HIS B 107 -38.56 -21.85 6.63
C HIS B 107 -37.96 -21.12 7.86
N HIS B 108 -37.77 -19.82 7.70
CA HIS B 108 -37.15 -18.98 8.74
C HIS B 108 -35.74 -19.47 8.97
N PRO C 3 -17.67 4.11 16.76
CA PRO C 3 -17.85 4.36 18.21
C PRO C 3 -19.16 3.73 18.73
N ILE C 4 -19.20 2.40 18.77
CA ILE C 4 -20.40 1.67 19.22
C ILE C 4 -20.64 1.71 20.73
N LYS C 5 -21.76 2.31 21.11
CA LYS C 5 -22.13 2.42 22.52
C LYS C 5 -23.02 1.26 22.92
N GLN C 6 -22.45 0.20 23.49
CA GLN C 6 -23.25 -0.95 23.90
C GLN C 6 -22.40 -1.98 24.66
N GLU C 7 -23.05 -2.93 25.32
CA GLU C 7 -22.32 -3.95 26.08
C GLU C 7 -21.99 -5.16 25.22
N ILE C 8 -20.76 -5.66 25.41
CA ILE C 8 -20.26 -6.81 24.67
C ILE C 8 -21.24 -7.98 24.66
N SER C 9 -21.77 -8.32 25.83
CA SER C 9 -22.71 -9.42 25.92
C SER C 9 -23.94 -9.19 25.04
N GLU C 10 -24.58 -8.05 25.26
CA GLU C 10 -25.77 -7.67 24.50
C GLU C 10 -25.55 -7.75 22.99
N TYR C 11 -24.49 -7.11 22.53
CA TYR C 11 -24.17 -7.12 21.12
C TYR C 11 -23.97 -8.53 20.58
N PHE C 12 -23.20 -9.36 21.30
CA PHE C 12 -22.96 -10.73 20.83
C PHE C 12 -24.27 -11.41 20.49
N LYS C 13 -25.28 -11.32 21.35
CA LYS C 13 -26.58 -11.93 21.09
C LYS C 13 -27.15 -11.32 19.81
N ASP C 14 -27.18 -9.99 19.76
CA ASP C 14 -27.67 -9.23 18.60
C ASP C 14 -27.03 -9.81 17.33
N TRP C 15 -25.70 -9.88 17.32
CA TRP C 15 -24.91 -10.41 16.22
C TRP C 15 -25.28 -11.85 15.83
N GLU C 17 -27.77 -13.76 16.44
CA GLU C 17 -29.15 -13.95 15.96
C GLU C 17 -29.31 -13.39 14.56
N LEU C 18 -28.35 -12.59 14.12
CA LEU C 18 -28.41 -12.01 12.78
C LEU C 18 -27.71 -12.84 11.74
N TYR C 19 -26.43 -13.12 11.98
CA TYR C 19 -25.65 -13.85 11.01
C TYR C 19 -25.47 -15.33 11.28
N LYS C 20 -25.91 -15.79 12.44
CA LYS C 20 -25.71 -17.20 12.76
C LYS C 20 -26.98 -17.99 12.90
N LYS C 21 -27.90 -17.45 13.69
CA LYS C 21 -29.18 -18.09 13.98
C LYS C 21 -29.58 -19.27 13.10
N ASN C 22 -30.45 -19.01 12.12
CA ASN C 22 -30.93 -20.06 11.25
C ASN C 22 -29.98 -20.47 10.15
N ALA C 23 -28.82 -19.82 10.10
CA ALA C 23 -27.86 -20.12 9.07
C ALA C 23 -27.00 -21.33 9.41
N ILE C 24 -26.58 -21.43 10.66
CA ILE C 24 -25.73 -22.53 11.06
C ILE C 24 -26.51 -23.69 11.66
N ASP C 25 -25.82 -24.82 11.77
CA ASP C 25 -26.38 -26.05 12.35
C ASP C 25 -26.99 -25.75 13.72
N GLU C 26 -27.96 -26.57 14.13
CA GLU C 26 -28.62 -26.38 15.43
C GLU C 26 -27.70 -26.73 16.59
N THR C 28 -24.63 -26.66 16.54
CA THR C 28 -23.53 -25.69 16.52
C THR C 28 -23.95 -24.35 17.12
N TYR C 29 -25.21 -23.97 16.93
CA TYR C 29 -25.71 -22.73 17.47
C TYR C 29 -25.67 -22.77 18.98
N LYS C 30 -25.78 -23.98 19.53
CA LYS C 30 -25.74 -24.17 20.98
C LYS C 30 -24.46 -23.50 21.53
N GLY C 31 -23.37 -23.64 20.77
CA GLY C 31 -22.10 -23.07 21.15
C GLY C 31 -22.15 -21.57 21.36
N TYR C 32 -22.79 -20.88 20.41
CA TYR C 32 -22.90 -19.45 20.49
C TYR C 32 -23.76 -19.05 21.69
N GLU C 33 -24.77 -19.85 21.98
CA GLU C 33 -25.63 -19.52 23.11
C GLU C 33 -24.80 -19.63 24.38
N GLN C 34 -23.93 -20.64 24.42
CA GLN C 34 -23.05 -20.87 25.57
C GLN C 34 -22.08 -19.71 25.69
N THR C 35 -21.41 -19.42 24.59
CA THR C 35 -20.47 -18.33 24.57
C THR C 35 -21.17 -17.03 25.02
N LEU C 36 -22.43 -16.89 24.62
CA LEU C 36 -23.19 -15.72 25.03
C LEU C 36 -23.28 -15.73 26.55
N LYS C 37 -23.78 -16.84 27.09
CA LYS C 37 -23.95 -17.03 28.54
C LYS C 37 -22.63 -16.66 29.24
N TYR C 38 -21.55 -17.32 28.82
CA TYR C 38 -20.24 -17.07 29.39
C TYR C 38 -19.97 -15.58 29.41
N LEU C 39 -20.18 -14.96 28.26
CA LEU C 39 -19.95 -13.53 28.13
C LEU C 39 -20.70 -12.74 29.22
N LYS C 40 -21.96 -13.08 29.45
CA LYS C 40 -22.74 -12.36 30.47
C LYS C 40 -22.12 -12.47 31.87
N THR C 41 -21.48 -13.62 32.11
CA THR C 41 -20.83 -13.91 33.37
C THR C 41 -19.50 -13.15 33.50
N TYR C 42 -18.48 -13.67 32.85
CA TYR C 42 -17.15 -13.07 32.90
C TYR C 42 -17.07 -11.61 32.50
N PRO C 44 -19.70 -8.75 32.55
CA PRO C 44 -21.00 -8.14 32.83
C PRO C 44 -21.27 -6.87 32.03
N ASN C 45 -21.32 -5.73 32.71
CA ASN C 45 -21.61 -4.48 32.03
C ASN C 45 -20.46 -3.95 31.19
N VAL C 46 -19.64 -4.86 30.69
CA VAL C 46 -18.49 -4.47 29.87
C VAL C 46 -18.93 -3.88 28.52
N LEU C 47 -18.54 -2.64 28.25
CA LEU C 47 -18.87 -1.99 27.00
C LEU C 47 -17.83 -2.30 25.95
N ILE C 48 -18.31 -2.66 24.76
CA ILE C 48 -17.46 -3.00 23.65
C ILE C 48 -16.34 -1.96 23.41
N SER C 49 -16.67 -0.70 23.65
CA SER C 49 -15.71 0.40 23.46
C SER C 49 -14.72 0.55 24.59
N GLU C 50 -14.87 -0.22 25.64
CA GLU C 50 -13.96 -0.15 26.78
C GLU C 50 -12.98 -1.32 26.77
N ILE C 51 -13.37 -2.39 26.10
CA ILE C 51 -12.54 -3.58 26.01
C ILE C 51 -11.20 -3.27 25.37
N THR C 52 -10.12 -3.77 25.98
CA THR C 52 -8.76 -3.57 25.47
C THR C 52 -8.08 -4.92 25.32
N ALA C 53 -6.99 -4.96 24.57
CA ALA C 53 -6.25 -6.22 24.37
C ALA C 53 -5.91 -6.88 25.68
N SER C 54 -5.70 -6.06 26.70
CA SER C 54 -5.37 -6.51 28.05
C SER C 54 -6.63 -6.99 28.76
N SER C 55 -7.67 -6.17 28.76
CA SER C 55 -8.95 -6.53 29.38
C SER C 55 -9.34 -7.92 28.95
N TYR C 56 -9.46 -8.07 27.63
CA TYR C 56 -9.86 -9.31 27.01
C TYR C 56 -8.94 -10.47 27.43
N GLN C 57 -7.63 -10.25 27.33
CA GLN C 57 -6.67 -11.28 27.70
C GLN C 57 -6.91 -11.69 29.15
N ARG C 58 -7.17 -10.69 29.99
CA ARG C 58 -7.42 -10.91 31.41
C ARG C 58 -8.72 -11.70 31.61
N ALA C 59 -9.80 -11.29 30.91
CA ALA C 59 -11.07 -11.99 31.00
C ALA C 59 -10.83 -13.42 30.55
N LEU C 60 -10.03 -13.55 29.50
CA LEU C 60 -9.70 -14.85 28.95
C LEU C 60 -8.92 -15.71 29.95
N ASN C 61 -8.01 -15.10 30.69
CA ASN C 61 -7.24 -15.84 31.68
C ASN C 61 -8.15 -16.34 32.80
N LYS C 62 -8.91 -15.43 33.41
CA LYS C 62 -9.82 -15.78 34.49
C LYS C 62 -10.65 -17.02 34.08
N PHE C 63 -11.08 -17.02 32.82
CA PHE C 63 -11.88 -18.12 32.29
C PHE C 63 -11.08 -19.44 32.23
N ALA C 64 -9.82 -19.34 31.81
CA ALA C 64 -8.99 -20.52 31.67
C ALA C 64 -8.73 -21.26 32.96
N GLU C 65 -8.83 -20.57 34.09
CA GLU C 65 -8.56 -21.24 35.36
C GLU C 65 -9.74 -22.03 35.90
N THR C 66 -10.72 -22.32 35.05
CA THR C 66 -11.89 -23.10 35.43
C THR C 66 -12.47 -23.81 34.23
N HIS C 67 -11.75 -23.76 33.11
CA HIS C 67 -12.20 -24.39 31.88
C HIS C 67 -11.03 -25.00 31.15
N ALA C 68 -11.32 -26.02 30.36
CA ALA C 68 -10.27 -26.69 29.60
C ALA C 68 -9.79 -25.80 28.44
N LYS C 69 -8.63 -26.13 27.91
CA LYS C 69 -8.04 -25.38 26.79
C LYS C 69 -9.03 -25.36 25.62
N ALA C 70 -9.41 -26.54 25.14
CA ALA C 70 -10.34 -26.64 24.03
C ALA C 70 -11.57 -25.74 24.27
N SER C 71 -12.08 -25.75 25.49
CA SER C 71 -13.26 -24.97 25.84
C SER C 71 -13.01 -23.46 25.81
N THR C 72 -11.95 -23.04 26.49
CA THR C 72 -11.61 -21.64 26.51
C THR C 72 -11.39 -21.14 25.06
N LYS C 73 -10.77 -21.98 24.23
CA LYS C 73 -10.50 -21.66 22.82
C LYS C 73 -11.78 -21.35 22.05
N GLY C 74 -12.77 -22.23 22.24
CA GLY C 74 -14.06 -22.09 21.59
C GLY C 74 -14.67 -20.76 21.91
N PHE C 75 -14.58 -20.37 23.17
CA PHE C 75 -15.12 -19.09 23.61
C PHE C 75 -14.48 -17.96 22.83
N HIS C 76 -13.15 -17.88 22.91
CA HIS C 76 -12.38 -16.86 22.22
C HIS C 76 -12.76 -16.79 20.74
N THR C 77 -12.46 -17.86 20.01
CA THR C 77 -12.76 -17.91 18.61
C THR C 77 -14.15 -17.31 18.27
N ARG C 78 -15.20 -17.78 18.93
CA ARG C 78 -16.54 -17.28 18.67
C ARG C 78 -16.68 -15.78 18.94
N VAL C 79 -16.13 -15.32 20.05
CA VAL C 79 -16.19 -13.89 20.36
C VAL C 79 -15.45 -13.11 19.29
N ARG C 80 -14.30 -13.63 18.89
CA ARG C 80 -13.48 -12.99 17.87
C ARG C 80 -14.30 -12.74 16.61
N ALA C 81 -14.98 -13.78 16.15
CA ALA C 81 -15.78 -13.66 14.95
C ALA C 81 -16.80 -12.53 15.04
N SER C 82 -17.42 -12.36 16.18
CA SER C 82 -18.40 -11.30 16.31
C SER C 82 -17.77 -9.92 16.23
N ILE C 83 -16.53 -9.83 16.64
CA ILE C 83 -15.86 -8.54 16.63
C ILE C 83 -15.49 -8.18 15.20
N GLN C 84 -15.18 -9.18 14.40
CA GLN C 84 -14.81 -8.97 13.00
C GLN C 84 -15.80 -8.09 12.24
N CYS C 85 -17.05 -8.49 12.18
CA CYS C 85 -18.03 -7.71 11.46
C CYS C 85 -18.06 -6.31 12.09
N LEU C 86 -17.81 -6.22 13.38
CA LEU C 86 -17.80 -4.93 14.03
C LEU C 86 -16.69 -4.07 13.44
N ILE C 87 -15.58 -4.69 13.11
CA ILE C 87 -14.44 -3.99 12.52
C ILE C 87 -14.76 -3.66 11.05
N GLU C 88 -15.11 -4.69 10.29
CA GLU C 88 -15.45 -4.56 8.88
C GLU C 88 -16.44 -3.41 8.61
N GLU C 89 -17.52 -3.32 9.37
CA GLU C 89 -18.48 -2.24 9.16
C GLU C 89 -17.79 -0.93 9.53
N GLY C 90 -16.82 -1.02 10.43
CA GLY C 90 -16.09 0.16 10.87
C GLY C 90 -16.77 0.81 12.06
N ARG C 91 -17.21 -0.01 13.00
CA ARG C 91 -17.90 0.47 14.20
C ARG C 91 -16.96 0.36 15.40
N LEU C 92 -15.84 -0.32 15.17
CA LEU C 92 -14.80 -0.52 16.17
C LEU C 92 -13.47 -0.11 15.58
N GLN C 93 -12.64 0.52 16.42
CA GLN C 93 -11.31 1.03 16.06
C GLN C 93 -10.25 -0.05 15.80
N LYS C 94 -10.00 -0.88 16.80
CA LYS C 94 -9.01 -1.93 16.63
C LYS C 94 -9.43 -3.25 17.26
N ASP C 95 -9.06 -4.33 16.58
CA ASP C 95 -9.36 -5.69 17.02
C ASP C 95 -8.53 -6.05 18.23
N PHE C 96 -9.18 -6.20 19.38
CA PHE C 96 -8.46 -6.51 20.62
C PHE C 96 -8.27 -7.99 20.89
N THR C 97 -8.93 -8.82 20.11
CA THR C 97 -8.85 -10.25 20.30
C THR C 97 -7.78 -10.82 19.40
N THR C 98 -7.13 -9.95 18.65
CA THR C 98 -6.14 -10.46 17.74
C THR C 98 -4.89 -11.05 18.42
N ARG C 99 -3.84 -10.27 18.55
CA ARG C 99 -2.61 -10.74 19.18
C ARG C 99 -2.90 -11.38 20.53
N ALA C 100 -3.95 -10.90 21.20
CA ALA C 100 -4.35 -11.43 22.51
C ALA C 100 -4.83 -12.89 22.37
N VAL C 101 -4.35 -13.53 21.31
CA VAL C 101 -4.66 -14.91 20.96
C VAL C 101 -4.12 -15.86 22.02
N VAL C 102 -3.56 -15.30 23.08
CA VAL C 102 -3.04 -16.15 24.12
C VAL C 102 -4.15 -16.60 25.03
N LYS C 103 -4.34 -17.92 25.14
CA LYS C 103 -5.38 -18.44 26.01
C LYS C 103 -4.90 -19.61 26.90
N GLY C 104 -4.91 -19.35 28.21
CA GLY C 104 -4.49 -20.33 29.19
C GLY C 104 -5.09 -21.71 29.00
N LEU C 105 -4.82 -22.59 29.97
CA LEU C 105 -5.26 -23.99 29.94
C LEU C 105 -5.56 -24.59 31.34
N GLU C 106 -5.52 -25.93 31.44
CA GLU C 106 -5.78 -26.61 32.71
C GLU C 106 -7.15 -26.23 33.28
N ILE D 4 2.13 5.32 24.76
CA ILE D 4 2.25 4.65 26.09
C ILE D 4 3.25 5.32 27.05
N LYS D 5 2.82 5.61 28.27
CA LYS D 5 3.70 6.23 29.26
C LYS D 5 3.90 5.26 30.44
N GLN D 6 5.12 4.75 30.62
CA GLN D 6 5.38 3.80 31.69
C GLN D 6 6.81 3.30 31.56
N GLU D 7 7.32 2.65 32.59
CA GLU D 7 8.68 2.14 32.56
C GLU D 7 8.79 0.82 31.87
N ILE D 8 9.77 0.70 30.99
CA ILE D 8 9.98 -0.54 30.27
C ILE D 8 9.93 -1.73 31.22
N SER D 9 10.61 -1.62 32.35
CA SER D 9 10.64 -2.72 33.32
C SER D 9 9.24 -3.06 33.83
N GLU D 10 8.55 -2.05 34.33
CA GLU D 10 7.21 -2.20 34.86
C GLU D 10 6.28 -2.86 33.86
N TYR D 11 6.26 -2.34 32.64
CA TYR D 11 5.43 -2.88 31.58
C TYR D 11 5.76 -4.34 31.32
N PHE D 12 7.03 -4.66 31.19
CA PHE D 12 7.41 -6.04 30.90
C PHE D 12 6.74 -7.02 31.85
N LYS D 13 6.77 -6.70 33.15
CA LYS D 13 6.14 -7.56 34.15
C LYS D 13 4.66 -7.64 33.85
N ASP D 14 4.03 -6.47 33.69
CA ASP D 14 2.59 -6.34 33.36
C ASP D 14 2.27 -7.30 32.19
N TRP D 15 3.05 -7.18 31.11
CA TRP D 15 2.90 -7.99 29.91
C TRP D 15 3.03 -9.49 30.18
N GLU D 17 2.93 -11.33 32.80
CA GLU D 17 1.92 -11.91 33.66
C GLU D 17 0.58 -12.02 32.94
N LEU D 18 0.43 -11.33 31.82
CA LEU D 18 -0.80 -11.37 31.07
C LEU D 18 -0.82 -12.46 30.01
N TYR D 19 0.17 -12.41 29.12
CA TYR D 19 0.22 -13.35 28.01
C TYR D 19 1.15 -14.53 28.18
N LYS D 20 1.92 -14.54 29.25
CA LYS D 20 2.86 -15.65 29.43
C LYS D 20 2.61 -16.51 30.66
N LYS D 21 2.44 -15.83 31.80
CA LYS D 21 2.21 -16.47 33.09
C LYS D 21 1.88 -17.96 33.07
N ASN D 22 0.59 -18.26 33.21
CA ASN D 22 0.12 -19.63 33.26
C ASN D 22 0.03 -20.30 31.93
N ALA D 23 0.35 -19.56 30.88
CA ALA D 23 0.26 -20.11 29.54
C ALA D 23 1.50 -20.92 29.16
N ILE D 24 2.67 -20.44 29.53
CA ILE D 24 3.89 -21.13 29.18
C ILE D 24 4.39 -22.03 30.29
N ASP D 25 5.34 -22.90 29.92
CA ASP D 25 5.96 -23.84 30.84
C ASP D 25 6.49 -23.10 32.08
N GLU D 26 6.60 -23.81 33.20
CA GLU D 26 7.10 -23.19 34.44
C GLU D 26 8.60 -22.87 34.37
N THR D 28 10.19 -22.36 31.81
CA THR D 28 10.35 -21.36 30.78
C THR D 28 9.98 -19.98 31.29
N TYR D 29 9.00 -19.90 32.18
CA TYR D 29 8.60 -18.62 32.74
C TYR D 29 9.74 -18.03 33.54
N LYS D 30 10.60 -18.90 34.07
CA LYS D 30 11.74 -18.45 34.85
C LYS D 30 12.54 -17.44 34.03
N GLY D 31 12.63 -17.72 32.73
CA GLY D 31 13.37 -16.87 31.83
C GLY D 31 12.86 -15.45 31.80
N TYR D 32 11.54 -15.31 31.72
CA TYR D 32 10.93 -14.00 31.69
C TYR D 32 11.13 -13.27 33.02
N GLU D 33 11.13 -14.01 34.11
CA GLU D 33 11.34 -13.37 35.40
C GLU D 33 12.74 -12.83 35.44
N GLN D 34 13.68 -13.59 34.88
CA GLN D 34 15.10 -13.18 34.82
C GLN D 34 15.23 -11.94 33.93
N THR D 35 14.68 -12.04 32.74
CA THR D 35 14.72 -10.93 31.81
C THR D 35 14.11 -9.70 32.48
N LEU D 36 13.06 -9.91 33.26
CA LEU D 36 12.43 -8.80 33.98
C LEU D 36 13.49 -8.18 34.91
N LYS D 37 14.10 -9.03 35.74
CA LYS D 37 15.14 -8.62 36.68
C LYS D 37 16.20 -7.82 35.95
N TYR D 38 16.76 -8.41 34.91
CA TYR D 38 17.79 -7.75 34.11
C TYR D 38 17.31 -6.38 33.72
N LEU D 39 16.10 -6.33 33.18
CA LEU D 39 15.51 -5.07 32.76
C LEU D 39 15.56 -4.02 33.88
N LYS D 40 15.19 -4.41 35.10
CA LYS D 40 15.20 -3.47 36.21
C LYS D 40 16.57 -2.90 36.48
N THR D 41 17.59 -3.73 36.24
CA THR D 41 18.99 -3.35 36.43
C THR D 41 19.51 -2.43 35.33
N TYR D 42 19.78 -3.00 34.17
CA TYR D 42 20.29 -2.24 33.03
C TYR D 42 19.41 -1.08 32.54
N PRO D 44 16.80 1.12 34.39
CA PRO D 44 16.03 1.57 35.54
C PRO D 44 14.77 2.35 35.17
N ASN D 45 14.74 3.63 35.48
CA ASN D 45 13.56 4.43 35.20
C ASN D 45 13.34 4.72 33.71
N VAL D 46 13.81 3.82 32.87
CA VAL D 46 13.68 4.01 31.42
C VAL D 46 12.22 3.90 30.95
N LEU D 47 11.72 4.97 30.35
CA LEU D 47 10.35 4.97 29.83
C LEU D 47 10.29 4.40 28.43
N ILE D 48 9.33 3.52 28.22
CA ILE D 48 9.14 2.85 26.95
C ILE D 48 9.12 3.86 25.78
N SER D 49 8.59 5.05 26.02
CA SER D 49 8.50 6.07 24.97
C SER D 49 9.80 6.83 24.76
N GLU D 50 10.82 6.55 25.56
CA GLU D 50 12.09 7.24 25.44
C GLU D 50 13.11 6.33 24.77
N ILE D 51 12.87 5.04 24.86
CA ILE D 51 13.78 4.07 24.27
C ILE D 51 13.92 4.30 22.76
N THR D 52 15.15 4.25 22.28
CA THR D 52 15.46 4.43 20.85
C THR D 52 16.30 3.26 20.36
N ALA D 53 16.36 3.07 19.05
CA ALA D 53 17.15 1.97 18.50
C ALA D 53 18.57 1.97 19.05
N SER D 54 19.07 3.17 19.33
CA SER D 54 20.42 3.36 19.85
C SER D 54 20.45 3.05 21.34
N SER D 55 19.50 3.62 22.09
CA SER D 55 19.43 3.38 23.53
C SER D 55 19.50 1.88 23.76
N TYR D 56 18.54 1.19 23.18
CA TYR D 56 18.42 -0.26 23.31
C TYR D 56 19.71 -0.98 22.93
N GLN D 57 20.26 -0.63 21.77
CA GLN D 57 21.50 -1.25 21.32
C GLN D 57 22.59 -1.02 22.37
N ARG D 58 22.61 0.18 22.93
CA ARG D 58 23.59 0.52 23.93
C ARG D 58 23.36 -0.29 25.21
N ALA D 59 22.11 -0.39 25.64
CA ALA D 59 21.77 -1.17 26.83
C ALA D 59 22.20 -2.61 26.55
N LEU D 60 21.92 -3.07 25.34
CA LEU D 60 22.28 -4.41 24.95
C LEU D 60 23.79 -4.61 24.96
N ASN D 61 24.54 -3.60 24.53
CA ASN D 61 26.00 -3.74 24.53
C ASN D 61 26.51 -3.87 25.95
N LYS D 62 26.16 -2.90 26.78
CA LYS D 62 26.59 -2.92 28.18
C LYS D 62 26.35 -4.32 28.79
N PHE D 63 25.21 -4.92 28.44
CA PHE D 63 24.85 -6.24 28.94
C PHE D 63 25.79 -7.34 28.41
N ALA D 64 26.17 -7.24 27.15
CA ALA D 64 27.03 -8.23 26.54
C ALA D 64 28.42 -8.32 27.14
N GLU D 65 28.89 -7.24 27.75
CA GLU D 65 30.22 -7.26 28.32
C GLU D 65 30.31 -7.92 29.68
N THR D 66 29.29 -8.70 30.03
CA THR D 66 29.28 -9.41 31.32
C THR D 66 28.36 -10.62 31.22
N HIS D 67 27.96 -10.95 30.00
CA HIS D 67 27.09 -12.08 29.76
C HIS D 67 27.45 -12.77 28.47
N ALA D 68 27.15 -14.05 28.38
CA ALA D 68 27.45 -14.81 27.18
C ALA D 68 26.49 -14.44 26.06
N LYS D 69 26.90 -14.76 24.83
CA LYS D 69 26.08 -14.47 23.64
C LYS D 69 24.69 -15.10 23.80
N ALA D 70 24.66 -16.41 23.99
CA ALA D 70 23.39 -17.10 24.16
C ALA D 70 22.52 -16.39 25.18
N SER D 71 23.11 -15.95 26.29
CA SER D 71 22.39 -15.27 27.36
C SER D 71 21.87 -13.91 26.95
N THR D 72 22.75 -13.10 26.39
CA THR D 72 22.35 -11.78 25.96
C THR D 72 21.23 -11.91 24.92
N LYS D 73 21.31 -12.92 24.07
CA LYS D 73 20.31 -13.18 23.02
C LYS D 73 18.93 -13.41 23.62
N GLY D 74 18.90 -14.27 24.63
CA GLY D 74 17.65 -14.60 25.29
C GLY D 74 16.97 -13.36 25.83
N PHE D 75 17.79 -12.47 26.39
CA PHE D 75 17.27 -11.22 26.93
C PHE D 75 16.56 -10.44 25.84
N HIS D 76 17.31 -10.13 24.78
CA HIS D 76 16.80 -9.39 23.63
C HIS D 76 15.52 -10.01 23.13
N THR D 77 15.61 -11.22 22.61
CA THR D 77 14.43 -11.90 22.09
C THR D 77 13.18 -11.70 22.98
N ARG D 78 13.29 -12.02 24.27
CA ARG D 78 12.15 -11.87 25.17
C ARG D 78 11.63 -10.42 25.24
N VAL D 79 12.54 -9.46 25.36
CA VAL D 79 12.11 -8.06 25.41
C VAL D 79 11.40 -7.72 24.12
N ARG D 80 11.98 -8.16 23.01
CA ARG D 80 11.42 -7.91 21.69
C ARG D 80 9.96 -8.34 21.63
N ALA D 81 9.69 -9.57 22.03
CA ALA D 81 8.33 -10.08 22.03
C ALA D 81 7.36 -9.17 22.78
N SER D 82 7.79 -8.63 23.92
CA SER D 82 6.90 -7.77 24.67
C SER D 82 6.61 -6.48 23.94
N ILE D 83 7.55 -6.03 23.14
CA ILE D 83 7.33 -4.78 22.43
C ILE D 83 6.35 -5.00 21.28
N GLN D 84 6.38 -6.19 20.71
CA GLN D 84 5.48 -6.54 19.61
C GLN D 84 4.02 -6.19 19.91
N CYS D 85 3.46 -6.79 20.95
CA CYS D 85 2.07 -6.53 21.27
C CYS D 85 1.90 -5.03 21.47
N LEU D 86 2.93 -4.38 21.96
CA LEU D 86 2.84 -2.94 22.16
C LEU D 86 2.65 -2.25 20.81
N ILE D 87 3.28 -2.79 19.79
CA ILE D 87 3.18 -2.23 18.45
C ILE D 87 1.81 -2.58 17.88
N GLU D 88 1.51 -3.87 17.85
CA GLU D 88 0.26 -4.39 17.33
C GLU D 88 -0.94 -3.59 17.86
N GLU D 89 -0.89 -3.23 19.15
CA GLU D 89 -1.96 -2.45 19.77
C GLU D 89 -1.87 -0.95 19.38
N GLY D 90 -0.82 -0.62 18.64
CA GLY D 90 -0.64 0.76 18.21
C GLY D 90 -0.51 1.73 19.37
N ARG D 91 0.40 1.44 20.29
CA ARG D 91 0.63 2.31 21.45
C ARG D 91 2.09 2.70 21.51
N LEU D 92 2.84 2.21 20.53
CA LEU D 92 4.27 2.48 20.39
C LEU D 92 4.63 2.73 18.92
N GLN D 93 4.96 3.99 18.61
CA GLN D 93 5.31 4.37 17.24
C GLN D 93 6.05 3.31 16.45
N LYS D 94 7.25 2.98 16.90
CA LYS D 94 8.05 1.97 16.24
C LYS D 94 8.90 1.13 17.17
N ASP D 95 8.98 -0.14 16.83
CA ASP D 95 9.73 -1.14 17.57
C ASP D 95 11.22 -0.86 17.47
N PHE D 96 11.81 -0.33 18.55
CA PHE D 96 13.24 0.01 18.56
C PHE D 96 14.19 -1.18 18.57
N THR D 97 13.64 -2.39 18.74
CA THR D 97 14.46 -3.60 18.77
C THR D 97 14.51 -4.14 17.35
N THR D 98 14.02 -3.35 16.43
CA THR D 98 13.96 -3.73 15.04
C THR D 98 15.33 -4.10 14.47
N ARG D 99 15.92 -3.15 13.76
CA ARG D 99 17.21 -3.34 13.12
C ARG D 99 18.28 -3.53 14.19
N ALA D 100 17.94 -3.17 15.43
CA ALA D 100 18.90 -3.31 16.52
C ALA D 100 19.22 -4.78 16.79
N VAL D 101 18.88 -5.63 15.81
CA VAL D 101 19.09 -7.09 15.89
C VAL D 101 20.55 -7.48 16.20
N VAL D 102 21.34 -6.52 16.66
CA VAL D 102 22.73 -6.80 16.97
C VAL D 102 22.91 -7.23 18.41
N LYS D 103 22.89 -8.53 18.63
CA LYS D 103 23.05 -9.06 19.98
C LYS D 103 24.50 -9.38 20.25
N GLY D 104 25.18 -8.45 20.90
CA GLY D 104 26.58 -8.64 21.25
C GLY D 104 26.80 -9.98 21.94
N LEU D 105 28.06 -10.29 22.16
CA LEU D 105 28.45 -11.55 22.76
C LEU D 105 29.39 -11.44 23.97
N GLU D 106 30.34 -12.37 24.05
CA GLU D 106 31.29 -12.39 25.15
C GLU D 106 32.44 -13.31 24.79
N HIS D 107 32.10 -14.46 24.24
CA HIS D 107 33.13 -15.44 23.88
C HIS D 107 34.03 -15.03 22.73
N HIS D 108 33.72 -13.90 22.08
CA HIS D 108 34.54 -13.42 20.97
C HIS D 108 34.44 -11.93 20.60
N HIS D 109 35.25 -11.12 21.26
CA HIS D 109 35.29 -9.67 21.01
C HIS D 109 36.38 -8.98 21.81
N HIS D 110 37.63 -9.33 21.51
CA HIS D 110 38.81 -8.78 22.17
C HIS D 110 38.84 -9.14 23.66
N PRO E 3 14.74 14.48 12.17
CA PRO E 3 15.93 15.10 11.51
C PRO E 3 17.24 14.36 11.82
N ILE E 4 18.38 15.02 11.61
CA ILE E 4 19.71 14.43 11.88
C ILE E 4 20.84 15.40 11.53
N LYS E 5 21.44 15.96 12.58
CA LYS E 5 22.53 16.91 12.39
C LYS E 5 23.83 16.33 12.87
N GLN E 6 24.68 15.87 11.95
CA GLN E 6 25.98 15.30 12.31
C GLN E 6 26.87 14.97 11.11
N GLU E 7 28.16 15.29 11.22
CA GLU E 7 29.13 15.02 10.17
C GLU E 7 29.07 13.54 9.82
N ILE E 8 28.91 13.24 8.54
CA ILE E 8 28.87 11.87 8.08
C ILE E 8 29.98 11.04 8.75
N SER E 9 31.20 11.58 8.74
CA SER E 9 32.33 10.88 9.33
C SER E 9 32.08 10.53 10.78
N GLU E 10 31.78 11.55 11.57
CA GLU E 10 31.51 11.40 12.99
C GLU E 10 30.46 10.34 13.28
N TYR E 11 29.34 10.44 12.59
CA TYR E 11 28.27 9.49 12.76
C TYR E 11 28.71 8.07 12.44
N PHE E 12 29.42 7.89 11.33
CA PHE E 12 29.86 6.54 10.95
C PHE E 12 30.58 5.86 12.10
N LYS E 13 31.50 6.57 12.76
CA LYS E 13 32.23 6.01 13.88
C LYS E 13 31.22 5.64 14.95
N ASP E 14 30.37 6.61 15.31
CA ASP E 14 29.32 6.42 16.32
C ASP E 14 28.58 5.10 16.03
N TRP E 15 28.10 4.97 14.81
CA TRP E 15 27.37 3.80 14.33
C TRP E 15 28.16 2.51 14.47
N GLU E 17 30.77 1.64 16.10
CA GLU E 17 31.08 1.24 17.46
C GLU E 17 29.85 0.73 18.21
N LEU E 18 28.67 1.00 17.66
CA LEU E 18 27.45 0.54 18.29
C LEU E 18 27.01 -0.84 17.80
N TYR E 19 26.81 -0.96 16.50
CA TYR E 19 26.31 -2.19 15.92
C TYR E 19 27.36 -3.11 15.31
N LYS E 20 28.60 -2.68 15.25
CA LYS E 20 29.61 -3.53 14.64
C LYS E 20 30.72 -3.95 15.58
N LYS E 21 31.28 -2.97 16.26
CA LYS E 21 32.37 -3.18 17.20
C LYS E 21 32.68 -4.63 17.59
N ASN E 22 32.21 -5.03 18.76
CA ASN E 22 32.48 -6.36 19.27
C ASN E 22 31.62 -7.44 18.66
N ALA E 23 30.72 -7.04 17.79
CA ALA E 23 29.83 -8.01 17.18
C ALA E 23 30.46 -8.74 15.99
N ILE E 24 31.20 -8.00 15.19
CA ILE E 24 31.83 -8.61 14.02
C ILE E 24 33.27 -9.03 14.26
N ASP E 25 33.78 -9.84 13.33
CA ASP E 25 35.15 -10.34 13.38
C ASP E 25 36.12 -9.18 13.56
N GLU E 26 37.30 -9.46 14.11
CA GLU E 26 38.30 -8.42 14.33
C GLU E 26 38.94 -7.94 13.02
N THR E 28 37.65 -8.09 10.25
CA THR E 28 36.60 -7.45 9.47
C THR E 28 36.34 -6.03 9.96
N TYR E 29 36.48 -5.81 11.27
CA TYR E 29 36.24 -4.49 11.84
C TYR E 29 37.27 -3.53 11.27
N LYS E 30 38.43 -4.06 10.91
CA LYS E 30 39.49 -3.23 10.34
C LYS E 30 38.94 -2.46 9.14
N GLY E 31 38.06 -3.11 8.39
CA GLY E 31 37.48 -2.49 7.22
C GLY E 31 36.71 -1.26 7.56
N TYR E 32 35.88 -1.33 8.59
CA TYR E 32 35.08 -0.19 9.00
C TYR E 32 35.97 0.95 9.50
N GLU E 33 37.08 0.60 10.14
CA GLU E 33 37.97 1.64 10.62
C GLU E 33 38.57 2.36 9.42
N GLN E 34 38.87 1.59 8.38
CA GLN E 34 39.43 2.14 7.15
C GLN E 34 38.39 3.04 6.48
N THR E 35 37.20 2.49 6.30
CA THR E 35 36.12 3.23 5.69
C THR E 35 35.90 4.53 6.47
N LEU E 36 36.03 4.46 7.78
CA LEU E 36 35.88 5.64 8.61
C LEU E 36 36.96 6.65 8.20
N LYS E 37 38.20 6.20 8.20
CA LYS E 37 39.35 7.02 7.83
C LYS E 37 39.07 7.70 6.48
N TYR E 38 38.77 6.87 5.48
CA TYR E 38 38.45 7.36 4.16
C TYR E 38 37.42 8.45 4.25
N LEU E 39 36.35 8.17 4.95
CA LEU E 39 35.29 9.13 5.11
C LEU E 39 35.81 10.48 5.61
N LYS E 40 36.69 10.45 6.61
CA LYS E 40 37.23 11.71 7.15
C LYS E 40 37.99 12.51 6.10
N THR E 41 38.63 11.79 5.18
CA THR E 41 39.39 12.39 4.10
C THR E 41 38.48 12.96 3.01
N TYR E 42 37.95 12.08 2.17
CA TYR E 42 37.08 12.49 1.07
C TYR E 42 35.87 13.30 1.47
N PRO E 44 35.15 15.63 4.49
CA PRO E 44 35.46 16.33 5.73
C PRO E 44 34.25 16.77 6.54
N ASN E 45 34.02 18.06 6.63
CA ASN E 45 32.90 18.56 7.42
C ASN E 45 31.56 18.33 6.78
N VAL E 46 31.46 17.28 5.97
CA VAL E 46 30.21 16.97 5.29
C VAL E 46 29.11 16.54 6.27
N LEU E 47 27.99 17.27 6.28
CA LEU E 47 26.87 16.92 7.15
C LEU E 47 25.95 15.94 6.49
N ILE E 48 25.58 14.90 7.23
CA ILE E 48 24.71 13.85 6.74
C ILE E 48 23.46 14.41 6.05
N SER E 49 22.96 15.54 6.54
CA SER E 49 21.75 16.17 5.99
C SER E 49 22.01 16.99 4.73
N GLU E 50 23.28 17.11 4.34
CA GLU E 50 23.61 17.88 3.15
C GLU E 50 23.95 16.94 2.00
N ILE E 51 24.33 15.72 2.33
CA ILE E 51 24.68 14.74 1.32
C ILE E 51 23.53 14.45 0.39
N THR E 52 23.81 14.45 -0.92
CA THR E 52 22.80 14.18 -1.95
C THR E 52 23.27 13.03 -2.83
N ALA E 53 22.37 12.45 -3.61
CA ALA E 53 22.72 11.35 -4.50
C ALA E 53 23.90 11.71 -5.38
N SER E 54 23.96 12.99 -5.74
CA SER E 54 25.04 13.51 -6.59
C SER E 54 26.32 13.70 -5.78
N SER E 55 26.21 14.35 -4.62
CA SER E 55 27.36 14.57 -3.76
C SER E 55 28.07 13.26 -3.58
N TYR E 56 27.32 12.31 -3.05
CA TYR E 56 27.86 10.98 -2.78
C TYR E 56 28.52 10.35 -4.02
N GLN E 57 27.79 10.36 -5.12
CA GLN E 57 28.30 9.79 -6.36
C GLN E 57 29.63 10.48 -6.72
N ARG E 58 29.66 11.79 -6.52
CA ARG E 58 30.85 12.58 -6.82
C ARG E 58 32.00 12.20 -5.88
N ALA E 59 31.69 12.06 -4.59
CA ALA E 59 32.71 11.68 -3.60
C ALA E 59 33.20 10.30 -4.02
N LEU E 60 32.26 9.46 -4.41
CA LEU E 60 32.59 8.11 -4.84
C LEU E 60 33.47 8.12 -6.06
N ASN E 61 33.19 9.00 -7.02
CA ASN E 61 34.03 9.07 -8.22
C ASN E 61 35.47 9.50 -7.87
N LYS E 62 35.60 10.62 -7.17
CA LYS E 62 36.92 11.12 -6.77
C LYS E 62 37.74 9.97 -6.16
N PHE E 63 37.08 9.15 -5.36
CA PHE E 63 37.72 8.03 -4.70
C PHE E 63 38.17 6.96 -5.70
N ALA E 64 37.34 6.71 -6.69
CA ALA E 64 37.65 5.67 -7.69
C ALA E 64 38.89 5.96 -8.52
N GLU E 65 39.25 7.24 -8.64
CA GLU E 65 40.40 7.58 -9.45
C GLU E 65 41.74 7.42 -8.73
N THR E 66 41.75 6.65 -7.64
CA THR E 66 42.96 6.40 -6.86
C THR E 66 42.83 5.11 -6.09
N HIS E 67 41.77 4.36 -6.38
CA HIS E 67 41.50 3.11 -5.70
C HIS E 67 40.92 2.11 -6.66
N ALA E 68 41.13 0.83 -6.37
CA ALA E 68 40.63 -0.23 -7.24
C ALA E 68 39.12 -0.36 -7.08
N LYS E 69 38.49 -1.02 -8.04
CA LYS E 69 37.04 -1.22 -8.01
C LYS E 69 36.66 -1.95 -6.72
N ALA E 70 37.21 -3.14 -6.50
CA ALA E 70 36.91 -3.90 -5.29
C ALA E 70 37.00 -3.01 -4.05
N SER E 71 38.02 -2.17 -3.99
CA SER E 71 38.24 -1.29 -2.84
C SER E 71 37.16 -0.22 -2.72
N THR E 72 36.93 0.49 -3.83
CA THR E 72 35.94 1.53 -3.83
C THR E 72 34.58 0.93 -3.45
N LYS E 73 34.32 -0.29 -3.92
CA LYS E 73 33.07 -0.98 -3.62
C LYS E 73 32.89 -1.18 -2.13
N GLY E 74 33.95 -1.67 -1.49
CA GLY E 74 33.93 -1.92 -0.06
C GLY E 74 33.55 -0.68 0.70
N PHE E 75 34.09 0.45 0.27
CA PHE E 75 33.81 1.73 0.92
C PHE E 75 32.33 2.01 0.86
N HIS E 76 31.80 2.04 -0.35
CA HIS E 76 30.38 2.31 -0.60
C HIS E 76 29.48 1.40 0.24
N THR E 77 29.58 0.10 -0.02
CA THR E 77 28.77 -0.84 0.71
C THR E 77 28.71 -0.55 2.22
N ARG E 78 29.88 -0.42 2.86
CA ARG E 78 29.94 -0.12 4.28
C ARG E 78 29.23 1.19 4.64
N VAL E 79 29.47 2.24 3.89
CA VAL E 79 28.81 3.49 4.20
C VAL E 79 27.30 3.30 4.05
N ARG E 80 26.90 2.61 3.01
CA ARG E 80 25.50 2.36 2.74
C ARG E 80 24.82 1.75 3.95
N ALA E 81 25.42 0.71 4.48
CA ALA E 81 24.86 0.03 5.65
C ALA E 81 24.63 0.99 6.81
N SER E 82 25.54 1.92 7.04
CA SER E 82 25.36 2.84 8.14
C SER E 82 24.20 3.79 7.88
N ILE E 83 23.92 4.08 6.62
CA ILE E 83 22.83 4.98 6.33
C ILE E 83 21.51 4.28 6.55
N GLN E 84 21.49 2.98 6.30
CA GLN E 84 20.26 2.20 6.48
C GLN E 84 19.59 2.43 7.83
N CYS E 85 20.31 2.11 8.91
CA CYS E 85 19.74 2.29 10.23
C CYS E 85 19.27 3.74 10.36
N LEU E 86 19.99 4.65 9.73
CA LEU E 86 19.61 6.05 9.82
C LEU E 86 18.24 6.24 9.18
N ILE E 87 17.97 5.47 8.13
CA ILE E 87 16.68 5.56 7.46
C ILE E 87 15.63 4.86 8.31
N GLU E 88 15.89 3.60 8.64
CA GLU E 88 15.00 2.77 9.45
C GLU E 88 14.50 3.51 10.70
N GLU E 89 15.40 4.22 11.36
CA GLU E 89 15.07 4.99 12.56
C GLU E 89 14.20 6.22 12.22
N GLY E 90 14.13 6.56 10.93
CA GLY E 90 13.35 7.71 10.53
C GLY E 90 13.98 9.03 10.96
N ARG E 91 15.28 9.16 10.71
CA ARG E 91 16.04 10.37 11.08
C ARG E 91 16.58 11.02 9.81
N LEU E 92 16.70 10.20 8.76
CA LEU E 92 17.16 10.68 7.47
C LEU E 92 16.02 10.53 6.48
N GLN E 93 15.81 11.56 5.66
CA GLN E 93 14.74 11.54 4.68
C GLN E 93 14.83 10.42 3.65
N LYS E 94 15.77 10.57 2.72
CA LYS E 94 15.96 9.59 1.66
C LYS E 94 17.41 9.15 1.43
N ASP E 95 17.59 7.82 1.34
CA ASP E 95 18.87 7.16 1.14
C ASP E 95 19.58 7.76 -0.06
N PHE E 96 20.72 8.41 0.15
CA PHE E 96 21.43 9.00 -0.96
C PHE E 96 22.38 8.03 -1.64
N THR E 97 22.52 6.82 -1.12
CA THR E 97 23.43 5.85 -1.74
C THR E 97 22.65 4.76 -2.47
N THR E 98 21.40 5.05 -2.79
CA THR E 98 20.56 4.07 -3.44
C THR E 98 20.83 3.87 -4.93
N ARG E 99 20.64 4.91 -5.74
CA ARG E 99 20.86 4.81 -7.17
C ARG E 99 22.33 5.08 -7.50
N ALA E 100 22.97 5.92 -6.71
CA ALA E 100 24.37 6.24 -6.97
C ALA E 100 25.25 5.00 -6.77
N VAL E 101 24.62 3.83 -6.84
CA VAL E 101 25.28 2.53 -6.67
C VAL E 101 26.43 2.37 -7.66
N VAL E 102 26.49 3.30 -8.61
CA VAL E 102 27.54 3.26 -9.60
C VAL E 102 28.87 3.42 -8.91
N LYS E 103 29.58 2.32 -8.76
CA LYS E 103 30.88 2.34 -8.13
C LYS E 103 31.98 2.17 -9.18
N GLY E 104 32.66 3.27 -9.51
CA GLY E 104 33.72 3.20 -10.51
C GLY E 104 34.81 2.20 -10.18
N LEU E 105 35.73 2.04 -11.15
CA LEU E 105 36.87 1.11 -11.04
C LEU E 105 38.22 1.76 -11.41
N GLU E 106 39.27 0.95 -11.40
CA GLU E 106 40.58 1.44 -11.76
C GLU E 106 40.99 0.78 -13.07
N PRO F 3 12.62 24.63 -8.23
CA PRO F 3 13.31 23.32 -8.28
C PRO F 3 14.55 23.26 -9.19
N ILE F 4 14.81 22.08 -9.75
CA ILE F 4 15.96 21.88 -10.63
C ILE F 4 15.75 22.67 -11.91
N LYS F 5 16.00 23.97 -11.81
CA LYS F 5 15.83 24.84 -12.97
C LYS F 5 17.00 24.60 -13.90
N GLN F 6 16.80 23.78 -14.91
CA GLN F 6 17.88 23.48 -15.85
C GLN F 6 17.40 22.87 -17.18
N GLU F 7 18.20 23.04 -18.24
CA GLU F 7 17.83 22.48 -19.54
C GLU F 7 18.04 20.98 -19.52
N ILE F 8 17.15 20.29 -20.21
CA ILE F 8 17.21 18.84 -20.34
C ILE F 8 18.57 18.42 -20.89
N SER F 9 19.03 19.11 -21.92
CA SER F 9 20.32 18.79 -22.53
C SER F 9 21.44 18.88 -21.52
N GLU F 10 21.55 20.04 -20.90
CA GLU F 10 22.59 20.30 -19.91
C GLU F 10 22.62 19.22 -18.84
N TYR F 11 21.46 18.97 -18.25
CA TYR F 11 21.36 17.95 -17.21
C TYR F 11 21.82 16.58 -17.71
N PHE F 12 21.35 16.15 -18.88
CA PHE F 12 21.73 14.84 -19.39
C PHE F 12 23.26 14.67 -19.35
N LYS F 13 23.99 15.67 -19.80
CA LYS F 13 25.46 15.60 -19.78
C LYS F 13 25.90 15.43 -18.32
N ASP F 14 25.43 16.33 -17.46
CA ASP F 14 25.73 16.30 -16.03
C ASP F 14 25.56 14.86 -15.51
N TRP F 15 24.38 14.31 -15.73
CA TRP F 15 24.02 12.95 -15.34
C TRP F 15 24.96 11.88 -15.87
N GLU F 17 27.90 11.92 -17.16
CA GLU F 17 29.27 12.01 -16.68
C GLU F 17 29.39 11.59 -15.22
N LEU F 18 28.27 11.52 -14.52
CA LEU F 18 28.28 11.10 -13.13
C LEU F 18 28.12 9.59 -12.96
N TYR F 19 27.03 9.06 -13.49
CA TYR F 19 26.73 7.65 -13.32
C TYR F 19 27.12 6.75 -14.48
N LYS F 20 27.55 7.32 -15.59
CA LYS F 20 27.87 6.47 -16.73
C LYS F 20 29.33 6.51 -17.13
N LYS F 21 29.84 7.73 -17.27
CA LYS F 21 31.22 7.98 -17.68
C LYS F 21 32.16 6.77 -17.66
N ASN F 22 32.97 6.68 -16.62
CA ASN F 22 33.95 5.62 -16.51
C ASN F 22 33.39 4.30 -16.07
N ALA F 23 32.10 4.26 -15.81
CA ALA F 23 31.48 3.04 -15.36
C ALA F 23 31.14 2.10 -16.49
N ILE F 24 30.61 2.64 -17.57
CA ILE F 24 30.22 1.81 -18.70
C ILE F 24 31.31 1.68 -19.76
N ASP F 25 31.11 0.72 -20.65
CA ASP F 25 32.03 0.46 -21.76
C ASP F 25 32.29 1.75 -22.54
N GLU F 26 33.43 1.81 -23.22
CA GLU F 26 33.78 2.99 -24.00
C GLU F 26 32.92 3.13 -25.24
N THR F 28 30.11 1.98 -25.63
CA THR F 28 28.74 2.18 -25.18
C THR F 28 28.52 3.63 -24.76
N TYR F 29 29.54 4.25 -24.19
CA TYR F 29 29.42 5.63 -23.77
C TYR F 29 29.18 6.51 -24.98
N LYS F 30 29.69 6.08 -26.13
CA LYS F 30 29.52 6.84 -27.36
C LYS F 30 28.04 7.13 -27.57
N GLY F 31 27.20 6.15 -27.23
CA GLY F 31 25.76 6.29 -27.38
C GLY F 31 25.19 7.45 -26.59
N TYR F 32 25.62 7.59 -25.35
CA TYR F 32 25.15 8.66 -24.52
C TYR F 32 25.63 10.01 -25.06
N GLU F 33 26.83 10.04 -25.62
CA GLU F 33 27.32 11.29 -26.15
C GLU F 33 26.45 11.69 -27.34
N GLN F 34 26.04 10.69 -28.12
CA GLN F 34 25.19 10.91 -29.30
C GLN F 34 23.82 11.40 -28.82
N THR F 35 23.24 10.66 -27.90
CA THR F 35 21.96 11.02 -27.34
C THR F 35 22.03 12.45 -26.79
N LEU F 36 23.16 12.80 -26.20
CA LEU F 36 23.34 14.14 -25.67
C LEU F 36 23.23 15.11 -26.83
N LYS F 37 24.02 14.87 -27.87
CA LYS F 37 24.05 15.72 -29.07
C LYS F 37 22.62 15.89 -29.58
N TYR F 38 21.96 14.76 -29.84
CA TYR F 38 20.59 14.76 -30.31
C TYR F 38 19.76 15.68 -29.46
N LEU F 39 19.85 15.48 -28.15
CA LEU F 39 19.09 16.29 -27.22
C LEU F 39 19.31 17.78 -27.45
N LYS F 40 20.57 18.21 -27.66
CA LYS F 40 20.85 19.62 -27.87
C LYS F 40 20.15 20.16 -29.12
N THR F 41 20.00 19.29 -30.11
CA THR F 41 19.36 19.63 -31.37
C THR F 41 17.84 19.70 -31.21
N TYR F 42 17.19 18.54 -31.17
CA TYR F 42 15.75 18.48 -31.05
C TYR F 42 15.15 19.19 -29.86
N PRO F 44 16.38 22.19 -27.72
CA PRO F 44 17.29 23.29 -27.35
C PRO F 44 17.12 23.76 -25.91
N ASN F 45 16.65 24.98 -25.75
CA ASN F 45 16.51 25.54 -24.41
C ASN F 45 15.37 24.93 -23.61
N VAL F 46 15.05 23.68 -23.90
CA VAL F 46 13.98 23.00 -23.19
C VAL F 46 14.33 22.72 -21.72
N LEU F 47 13.53 23.24 -20.80
CA LEU F 47 13.75 23.03 -19.38
C LEU F 47 13.08 21.76 -18.92
N ILE F 48 13.82 20.97 -18.16
CA ILE F 48 13.32 19.73 -17.64
C ILE F 48 11.94 19.86 -16.99
N SER F 49 11.69 20.99 -16.34
CA SER F 49 10.41 21.24 -15.66
C SER F 49 9.28 21.66 -16.59
N GLU F 50 9.58 21.86 -17.87
CA GLU F 50 8.57 22.26 -18.84
C GLU F 50 8.15 21.07 -19.69
N ILE F 51 9.01 20.08 -19.78
CA ILE F 51 8.74 18.89 -20.57
C ILE F 51 7.49 18.17 -20.09
N THR F 52 6.61 17.81 -21.03
CA THR F 52 5.36 17.10 -20.71
C THR F 52 5.29 15.81 -21.54
N ALA F 53 4.42 14.89 -21.15
CA ALA F 53 4.28 13.64 -21.88
C ALA F 53 4.06 13.88 -23.37
N SER F 54 3.39 14.99 -23.67
CA SER F 54 3.09 15.39 -25.05
C SER F 54 4.33 15.98 -25.70
N SER F 55 4.97 16.94 -25.02
CA SER F 55 6.19 17.57 -25.54
C SER F 55 7.14 16.49 -25.99
N TYR F 56 7.51 15.65 -25.04
CA TYR F 56 8.44 14.55 -25.27
C TYR F 56 7.98 13.68 -26.45
N GLN F 57 6.73 13.27 -26.44
CA GLN F 57 6.22 12.44 -27.51
C GLN F 57 6.39 13.17 -28.84
N ARG F 58 6.13 14.46 -28.83
CA ARG F 58 6.24 15.27 -30.03
C ARG F 58 7.71 15.37 -30.47
N ALA F 59 8.62 15.59 -29.52
CA ALA F 59 10.05 15.67 -29.84
C ALA F 59 10.44 14.31 -30.40
N LEU F 60 9.93 13.25 -29.79
CA LEU F 60 10.22 11.92 -30.25
C LEU F 60 9.70 11.67 -31.66
N ASN F 61 8.52 12.20 -31.97
CA ASN F 61 7.98 12.00 -33.31
C ASN F 61 8.87 12.70 -34.34
N LYS F 62 9.10 13.99 -34.14
CA LYS F 62 9.94 14.77 -35.05
C LYS F 62 11.24 14.00 -35.36
N PHE F 63 11.78 13.37 -34.33
CA PHE F 63 13.01 12.60 -34.47
C PHE F 63 12.83 11.35 -35.34
N ALA F 64 11.68 10.69 -35.18
CA ALA F 64 11.42 9.47 -35.93
C ALA F 64 11.30 9.68 -37.43
N GLU F 65 10.96 10.88 -37.86
CA GLU F 65 10.81 11.11 -39.28
C GLU F 65 12.12 11.37 -40.01
N THR F 66 13.24 11.02 -39.38
CA THR F 66 14.57 11.19 -39.99
C THR F 66 15.55 10.18 -39.39
N HIS F 67 15.03 9.22 -38.62
CA HIS F 67 15.86 8.21 -37.99
C HIS F 67 15.14 6.89 -37.99
N ALA F 68 15.91 5.81 -37.95
CA ALA F 68 15.30 4.49 -37.93
C ALA F 68 14.68 4.18 -36.57
N LYS F 69 13.82 3.18 -36.53
CA LYS F 69 13.15 2.78 -35.30
C LYS F 69 14.20 2.44 -34.25
N ALA F 70 15.07 1.49 -34.55
CA ALA F 70 16.11 1.09 -33.61
C ALA F 70 16.84 2.31 -33.05
N SER F 71 17.15 3.27 -33.91
CA SER F 71 17.86 4.49 -33.50
C SER F 71 17.05 5.39 -32.59
N THR F 72 15.82 5.67 -32.99
CA THR F 72 14.95 6.52 -32.22
C THR F 72 14.74 5.87 -30.84
N LYS F 73 14.64 4.54 -30.82
CA LYS F 73 14.45 3.79 -29.57
C LYS F 73 15.58 4.03 -28.59
N GLY F 74 16.80 3.90 -29.10
CA GLY F 74 18.00 4.10 -28.30
C GLY F 74 17.99 5.46 -27.65
N PHE F 75 17.57 6.48 -28.40
CA PHE F 75 17.51 7.83 -27.89
C PHE F 75 16.61 7.85 -26.66
N HIS F 76 15.36 7.44 -26.89
CA HIS F 76 14.35 7.41 -25.84
C HIS F 76 14.84 6.68 -24.59
N THR F 77 15.10 5.39 -24.74
CA THR F 77 15.59 4.60 -23.62
C THR F 77 16.66 5.35 -22.78
N ARG F 78 17.71 5.83 -23.44
CA ARG F 78 18.77 6.55 -22.74
C ARG F 78 18.26 7.79 -22.01
N VAL F 79 17.43 8.59 -22.66
CA VAL F 79 16.90 9.77 -22.00
C VAL F 79 16.07 9.34 -20.81
N ARG F 80 15.28 8.30 -21.01
CA ARG F 80 14.41 7.78 -19.96
C ARG F 80 15.24 7.48 -18.71
N ALA F 81 16.33 6.74 -18.88
CA ALA F 81 17.18 6.38 -17.75
C ALA F 81 17.63 7.61 -16.97
N SER F 82 17.97 8.69 -17.66
CA SER F 82 18.43 9.87 -16.95
C SER F 82 17.32 10.51 -16.15
N ILE F 83 16.08 10.36 -16.60
CA ILE F 83 14.99 10.96 -15.89
C ILE F 83 14.68 10.18 -14.63
N GLN F 84 14.93 8.88 -14.67
CA GLN F 84 14.69 8.03 -13.52
C GLN F 84 15.33 8.55 -12.24
N CYS F 85 16.66 8.69 -12.24
CA CYS F 85 17.35 9.18 -11.06
C CYS F 85 16.74 10.51 -10.66
N LEU F 86 16.30 11.29 -11.64
CA LEU F 86 15.70 12.58 -11.33
C LEU F 86 14.41 12.37 -10.53
N ILE F 87 13.70 11.28 -10.82
CA ILE F 87 12.47 10.98 -10.11
C ILE F 87 12.82 10.43 -8.73
N GLU F 88 13.64 9.39 -8.72
CA GLU F 88 14.10 8.73 -7.50
C GLU F 88 14.60 9.75 -6.44
N GLU F 89 15.46 10.67 -6.88
CA GLU F 89 15.98 11.70 -6.00
C GLU F 89 14.87 12.67 -5.64
N GLY F 90 13.70 12.46 -6.20
CA GLY F 90 12.59 13.36 -5.92
C GLY F 90 12.93 14.78 -6.32
N ARG F 91 13.23 14.97 -7.60
CA ARG F 91 13.57 16.28 -8.14
C ARG F 91 12.54 16.62 -9.21
N LEU F 92 11.90 15.56 -9.71
CA LEU F 92 10.88 15.67 -10.73
C LEU F 92 9.64 14.88 -10.26
N GLN F 93 8.48 15.50 -10.41
CA GLN F 93 7.22 14.90 -9.99
C GLN F 93 6.73 13.74 -10.85
N LYS F 94 6.65 13.96 -12.16
CA LYS F 94 6.16 12.92 -13.06
C LYS F 94 7.10 12.65 -14.24
N ASP F 95 7.32 11.36 -14.53
CA ASP F 95 8.19 10.94 -15.63
C ASP F 95 7.44 10.92 -16.97
N PHE F 96 7.68 11.93 -17.80
CA PHE F 96 7.00 12.04 -19.08
C PHE F 96 7.36 10.96 -20.08
N THR F 97 8.58 10.48 -19.99
CA THR F 97 9.01 9.44 -20.90
C THR F 97 8.27 8.12 -20.64
N THR F 98 7.36 8.16 -19.69
CA THR F 98 6.61 6.99 -19.28
C THR F 98 5.79 6.29 -20.37
N ARG F 99 4.46 6.27 -20.21
CA ARG F 99 3.60 5.63 -21.19
C ARG F 99 3.89 6.19 -22.58
N ALA F 100 4.38 7.44 -22.61
CA ALA F 100 4.69 8.08 -23.89
C ALA F 100 5.86 7.39 -24.61
N VAL F 101 5.99 6.08 -24.41
CA VAL F 101 7.04 5.28 -25.02
C VAL F 101 6.79 5.09 -26.53
N VAL F 102 5.75 5.73 -27.06
CA VAL F 102 5.48 5.56 -28.47
C VAL F 102 6.62 6.05 -29.35
N LYS F 103 7.29 5.11 -30.01
CA LYS F 103 8.40 5.43 -30.90
C LYS F 103 8.09 5.07 -32.35
N GLY F 104 7.63 6.06 -33.10
CA GLY F 104 7.32 5.84 -34.49
C GLY F 104 8.46 5.15 -35.20
N LEU F 105 8.14 4.58 -36.35
CA LEU F 105 9.08 3.84 -37.17
C LEU F 105 9.29 4.50 -38.55
N GLU F 106 10.45 4.26 -39.15
CA GLU F 106 10.72 4.83 -40.46
C GLU F 106 10.25 3.86 -41.55
N HIS F 107 9.50 2.85 -41.12
CA HIS F 107 8.95 1.84 -42.05
C HIS F 107 7.47 1.59 -41.78
#